data_1CE1
#
_entry.id   1CE1
#
_cell.length_a   54.846
_cell.length_b   60.672
_cell.length_c   152.908
_cell.angle_alpha   90.00
_cell.angle_beta   89.72
_cell.angle_gamma   89.85
#
_symmetry.space_group_name_H-M   'P 21 21 21'
#
loop_
_entity.id
_entity.type
_entity.pdbx_description
1 polymer 'PROTEIN (CAMPATH-1H:LIGHT CHAIN)'
2 polymer 'PROTEIN (CAMPATH-1H:HEAVY CHAIN)'
3 polymer 'PROTEIN (PEPTIDE ANTIGEN)'
4 water water
#
loop_
_entity_poly.entity_id
_entity_poly.type
_entity_poly.pdbx_seq_one_letter_code
_entity_poly.pdbx_strand_id
1 'polypeptide(L)'
;DIQMTQSPSSLSASVGDRVTITCKASQNIDKYLNWYQQKPGKAPKLLIYNTNNLQTGVPSRFSGSGSGTDFTFTISSLQP
EDIATYYCLQHISRPRTFGQGTKVEIKRTVAAPSVFIFPPSDEQLKSGTASVVCLLNNFYPREAKVQWKVDNALQSGNSQ
ESVTEQDSKDSTYSLSSTLTLSKADYEKHKVYACEVTHQGLSSPVTKSFNR
;
L
2 'polypeptide(L)'
;QVQLQESGPGLVRPSQTLSLTCTVSGFTFTDFYMNWVRQPPGRGLEWIGFIRDKAKGYTTEYNPSVKGRVTMLVDTSKNQ
FSLRLSSVTAADTAVYYCAREGHTAAPFDYWGQGSLVTVSSASTKGPSVFPLAPSSKSTSGGTAALGCLVKDYFPEPVTV
SWNSGALTSGVHTFPAVLQSSGLYSLSSVVTVPSSSLGTQTYICNVNHKPSNTKVDKKVE
;
H
3 'polypeptide(L)' GTSSPSAD P
#
# COMPACT_ATOMS: atom_id res chain seq x y z
N ASP A 1 0.30 29.95 -2.15
CA ASP A 1 -0.30 28.71 -2.77
C ASP A 1 -1.78 28.61 -2.37
N ILE A 2 -2.59 27.96 -3.20
CA ILE A 2 -3.98 27.70 -2.75
C ILE A 2 -4.01 26.53 -1.79
N GLN A 3 -4.54 26.72 -0.56
CA GLN A 3 -4.62 25.58 0.36
C GLN A 3 -6.01 24.92 0.25
N MET A 4 -6.03 23.61 0.16
CA MET A 4 -7.26 22.82 0.05
C MET A 4 -7.56 22.08 1.35
N THR A 5 -8.74 22.27 1.92
CA THR A 5 -9.06 21.61 3.20
C THR A 5 -10.25 20.69 3.03
N GLN A 6 -10.10 19.41 3.34
CA GLN A 6 -11.15 18.44 3.15
C GLN A 6 -11.81 18.11 4.51
N SER A 7 -13.03 17.63 4.42
CA SER A 7 -13.78 17.23 5.61
C SER A 7 -14.81 16.17 5.24
N PRO A 8 -15.00 15.18 6.09
CA PRO A 8 -14.21 15.03 7.31
C PRO A 8 -12.87 14.39 6.95
N SER A 9 -12.05 14.06 7.92
CA SER A 9 -10.78 13.41 7.70
C SER A 9 -10.94 11.90 7.53
N SER A 10 -11.99 11.38 8.14
CA SER A 10 -12.32 9.95 7.89
C SER A 10 -13.80 9.76 8.29
N LEU A 11 -14.37 8.65 7.88
CA LEU A 11 -15.77 8.37 8.21
C LEU A 11 -16.02 6.89 8.00
N SER A 12 -17.03 6.36 8.69
CA SER A 12 -17.40 4.95 8.46
C SER A 12 -18.89 4.91 8.13
N ALA A 13 -19.24 4.13 7.12
CA ALA A 13 -20.63 4.05 6.67
C ALA A 13 -20.96 2.61 6.29
N SER A 14 -22.24 2.30 6.20
CA SER A 14 -22.66 0.96 5.80
C SER A 14 -22.84 0.89 4.28
N VAL A 15 -22.66 -0.30 3.73
CA VAL A 15 -22.96 -0.51 2.29
C VAL A 15 -24.35 0.04 2.00
N GLY A 16 -24.53 0.73 0.87
CA GLY A 16 -25.80 1.31 0.52
C GLY A 16 -26.00 2.73 0.96
N ASP A 17 -25.25 3.25 1.92
CA ASP A 17 -25.41 4.60 2.42
C ASP A 17 -24.98 5.65 1.37
N ARG A 18 -25.47 6.86 1.54
CA ARG A 18 -24.99 8.00 0.78
C ARG A 18 -23.84 8.68 1.56
N VAL A 19 -22.71 8.86 0.89
CA VAL A 19 -21.54 9.48 1.53
C VAL A 19 -21.18 10.78 0.79
N THR A 20 -21.06 11.87 1.52
CA THR A 20 -20.71 13.17 0.96
C THR A 20 -19.46 13.72 1.66
N ILE A 21 -18.42 14.01 0.89
CA ILE A 21 -17.18 14.59 1.36
C ILE A 21 -17.05 16.04 0.81
N THR A 22 -16.53 16.94 1.60
CA THR A 22 -16.40 18.32 1.17
C THR A 22 -14.93 18.73 1.03
N CYS A 23 -14.70 19.67 0.14
CA CYS A 23 -13.36 20.19 -0.12
C CYS A 23 -13.44 21.71 -0.29
N LYS A 24 -12.68 22.45 0.52
CA LYS A 24 -12.72 23.92 0.43
C LYS A 24 -11.37 24.49 0.01
N ALA A 25 -11.38 25.47 -0.88
CA ALA A 25 -10.13 26.11 -1.28
C ALA A 25 -9.99 27.44 -0.52
N SER A 26 -8.77 27.80 -0.18
CA SER A 26 -8.52 29.06 0.51
C SER A 26 -8.86 30.27 -0.36
N GLN A 27 -8.86 30.14 -1.67
CA GLN A 27 -9.31 31.15 -2.59
C GLN A 27 -9.92 30.52 -3.84
N ASN A 28 -10.65 31.30 -4.66
CA ASN A 28 -11.37 30.76 -5.80
C ASN A 28 -10.53 29.84 -6.68
N ILE A 29 -11.11 28.76 -7.15
CA ILE A 29 -10.50 27.90 -8.16
C ILE A 29 -11.45 27.60 -9.33
N ASP A 30 -12.38 28.50 -9.56
CA ASP A 30 -13.38 28.36 -10.64
C ASP A 30 -13.85 26.90 -10.54
N LYS A 31 -13.75 26.11 -11.60
CA LYS A 31 -14.30 24.77 -11.61
C LYS A 31 -13.16 23.74 -11.59
N TYR A 32 -11.93 24.19 -11.44
CA TYR A 32 -10.78 23.28 -11.68
C TYR A 32 -10.42 22.49 -10.45
N LEU A 33 -11.27 21.51 -10.15
CA LEU A 33 -11.12 20.72 -8.91
C LEU A 33 -11.43 19.26 -9.25
N ASN A 34 -10.49 18.37 -9.00
CA ASN A 34 -10.57 16.98 -9.36
C ASN A 34 -10.58 16.10 -8.09
N TRP A 35 -11.06 14.90 -8.25
CA TRP A 35 -11.17 13.95 -7.16
C TRP A 35 -10.50 12.62 -7.55
N TYR A 36 -9.67 12.12 -6.63
CA TYR A 36 -8.92 10.87 -6.84
C TYR A 36 -9.17 9.89 -5.69
N GLN A 37 -9.13 8.63 -6.02
CA GLN A 37 -9.35 7.55 -5.06
C GLN A 37 -8.07 6.73 -4.93
N GLN A 38 -7.61 6.48 -3.70
CA GLN A 38 -6.39 5.70 -3.53
C GLN A 38 -6.59 4.61 -2.49
N LYS A 39 -6.18 3.41 -2.83
CA LYS A 39 -6.17 2.27 -1.90
C LYS A 39 -4.77 2.04 -1.37
N PRO A 40 -4.66 1.59 -0.12
CA PRO A 40 -3.35 1.41 0.51
C PRO A 40 -2.44 0.64 -0.43
N GLY A 41 -1.23 1.16 -0.65
CA GLY A 41 -0.25 0.57 -1.51
C GLY A 41 -0.44 0.80 -2.98
N LYS A 42 -1.51 1.45 -3.40
CA LYS A 42 -1.79 1.65 -4.83
C LYS A 42 -1.79 3.15 -5.16
N ALA A 43 -1.60 3.46 -6.44
CA ALA A 43 -1.56 4.89 -6.83
C ALA A 43 -2.99 5.44 -6.80
N PRO A 44 -3.11 6.75 -6.62
CA PRO A 44 -4.39 7.42 -6.75
C PRO A 44 -4.96 7.14 -8.16
N LYS A 45 -6.26 7.21 -8.29
CA LYS A 45 -6.93 7.02 -9.59
C LYS A 45 -7.87 8.21 -9.82
N LEU A 46 -7.87 8.76 -11.01
CA LEU A 46 -8.81 9.89 -11.31
C LEU A 46 -10.24 9.37 -11.42
N LEU A 47 -11.18 9.94 -10.67
CA LEU A 47 -12.58 9.57 -10.75
C LEU A 47 -13.37 10.69 -11.44
N ILE A 48 -13.14 11.92 -10.98
CA ILE A 48 -13.84 13.09 -11.50
C ILE A 48 -12.86 14.22 -11.81
N TYR A 49 -13.10 14.92 -12.93
CA TYR A 49 -12.28 16.07 -13.28
C TYR A 49 -13.16 17.30 -13.50
N ASN A 50 -12.64 18.44 -13.17
CA ASN A 50 -13.26 19.73 -13.32
C ASN A 50 -14.66 19.75 -12.73
N THR A 51 -14.70 19.49 -11.43
CA THR A 51 -15.85 19.49 -10.60
C THR A 51 -16.78 18.32 -10.75
N ASN A 52 -17.29 18.05 -11.95
CA ASN A 52 -18.36 17.05 -12.07
C ASN A 52 -18.27 16.17 -13.28
N ASN A 53 -17.09 16.07 -13.91
CA ASN A 53 -16.98 15.21 -15.09
C ASN A 53 -16.42 13.85 -14.69
N LEU A 54 -17.19 12.80 -14.89
CA LEU A 54 -16.75 11.45 -14.57
C LEU A 54 -15.73 10.94 -15.59
N GLN A 55 -14.58 10.45 -15.12
CA GLN A 55 -13.62 9.82 -16.03
C GLN A 55 -14.27 8.57 -16.65
N THR A 56 -13.93 8.28 -17.88
CA THR A 56 -14.49 7.15 -18.59
C THR A 56 -14.36 5.86 -17.77
N GLY A 57 -15.49 5.19 -17.56
CA GLY A 57 -15.49 3.90 -16.90
C GLY A 57 -15.81 3.97 -15.42
N VAL A 58 -15.84 5.16 -14.86
CA VAL A 58 -16.12 5.33 -13.43
C VAL A 58 -17.62 5.14 -13.21
N PRO A 59 -17.99 4.38 -12.21
CA PRO A 59 -19.38 4.08 -11.92
C PRO A 59 -20.23 5.32 -11.69
N SER A 60 -21.50 5.25 -12.10
CA SER A 60 -22.41 6.37 -12.03
C SER A 60 -22.79 6.78 -10.63
N ARG A 61 -22.49 5.97 -9.61
CA ARG A 61 -22.71 6.30 -8.24
C ARG A 61 -21.78 7.38 -7.72
N PHE A 62 -20.71 7.69 -8.44
CA PHE A 62 -19.83 8.79 -8.01
C PHE A 62 -20.24 10.09 -8.72
N SER A 63 -20.17 11.21 -8.01
CA SER A 63 -20.41 12.51 -8.64
C SER A 63 -19.84 13.63 -7.80
N GLY A 64 -19.81 14.84 -8.35
CA GLY A 64 -19.32 15.99 -7.59
C GLY A 64 -20.06 17.26 -8.01
N SER A 65 -19.96 18.30 -7.20
CA SER A 65 -20.56 19.59 -7.52
C SER A 65 -19.80 20.68 -6.77
N GLY A 66 -20.19 21.92 -7.01
CA GLY A 66 -19.62 23.06 -6.31
C GLY A 66 -19.00 24.00 -7.36
N SER A 67 -18.40 25.06 -6.86
CA SER A 67 -17.68 26.03 -7.66
C SER A 67 -17.03 27.06 -6.74
N GLY A 68 -16.10 27.83 -7.26
CA GLY A 68 -15.46 28.88 -6.46
C GLY A 68 -14.56 28.28 -5.40
N THR A 69 -14.97 28.31 -4.13
CA THR A 69 -14.16 27.84 -3.03
C THR A 69 -14.68 26.58 -2.37
N ASP A 70 -15.90 26.15 -2.68
CA ASP A 70 -16.58 25.10 -1.95
C ASP A 70 -17.06 23.98 -2.87
N PHE A 71 -16.65 22.74 -2.58
CA PHE A 71 -16.93 21.62 -3.42
C PHE A 71 -17.36 20.38 -2.62
N THR A 72 -18.07 19.49 -3.31
CA THR A 72 -18.54 18.25 -2.70
C THR A 72 -18.34 17.05 -3.61
N PHE A 73 -18.03 15.92 -3.04
CA PHE A 73 -17.92 14.64 -3.72
C PHE A 73 -18.93 13.66 -3.05
N THR A 74 -19.73 13.01 -3.86
CA THR A 74 -20.80 12.15 -3.34
C THR A 74 -20.74 10.75 -3.92
N ILE A 75 -20.83 9.74 -3.03
CA ILE A 75 -21.05 8.37 -3.48
C ILE A 75 -22.54 8.07 -3.15
N SER A 76 -23.37 7.84 -4.17
CA SER A 76 -24.81 7.74 -3.94
C SER A 76 -25.17 6.56 -3.07
N SER A 77 -24.57 5.42 -3.31
CA SER A 77 -24.85 4.19 -2.57
C SER A 77 -23.52 3.44 -2.35
N LEU A 78 -22.95 3.60 -1.18
CA LEU A 78 -21.60 3.07 -0.94
C LEU A 78 -21.51 1.57 -1.16
N GLN A 79 -20.49 1.14 -1.91
CA GLN A 79 -20.20 -0.27 -2.12
C GLN A 79 -18.92 -0.68 -1.43
N PRO A 80 -18.80 -1.97 -1.11
CA PRO A 80 -17.65 -2.50 -0.43
C PRO A 80 -16.33 -2.17 -1.06
N GLU A 81 -16.23 -2.11 -2.39
CA GLU A 81 -14.98 -1.84 -3.09
C GLU A 81 -14.63 -0.35 -3.09
N ASP A 82 -15.43 0.48 -2.47
CA ASP A 82 -15.27 1.91 -2.45
C ASP A 82 -14.44 2.40 -1.27
N ILE A 83 -14.06 1.50 -0.37
CA ILE A 83 -13.21 1.93 0.75
C ILE A 83 -11.84 2.37 0.21
N ALA A 84 -11.42 3.54 0.65
CA ALA A 84 -10.19 4.15 0.17
C ALA A 84 -10.02 5.50 0.88
N THR A 85 -8.98 6.21 0.46
CA THR A 85 -8.84 7.61 0.83
C THR A 85 -9.08 8.46 -0.43
N TYR A 86 -9.96 9.44 -0.30
CA TYR A 86 -10.31 10.25 -1.48
C TYR A 86 -9.65 11.61 -1.34
N TYR A 87 -9.01 12.07 -2.43
CA TYR A 87 -8.32 13.37 -2.39
C TYR A 87 -8.96 14.34 -3.39
N CYS A 88 -9.07 15.61 -3.02
CA CYS A 88 -9.40 16.65 -3.97
C CYS A 88 -8.09 17.32 -4.40
N LEU A 89 -8.14 17.98 -5.54
CA LEU A 89 -6.90 18.57 -6.12
C LEU A 89 -7.35 19.81 -6.93
N GLN A 90 -6.82 20.96 -6.58
CA GLN A 90 -7.08 22.18 -7.42
C GLN A 90 -5.94 22.30 -8.45
N HIS A 91 -6.29 22.72 -9.65
CA HIS A 91 -5.33 22.94 -10.72
C HIS A 91 -5.72 24.18 -11.54
N ILE A 92 -6.30 25.18 -10.84
CA ILE A 92 -6.44 26.50 -11.51
C ILE A 92 -5.09 27.21 -11.55
N SER A 93 -4.20 26.94 -10.59
CA SER A 93 -2.88 27.57 -10.61
C SER A 93 -1.80 26.72 -10.00
N ARG A 94 -0.55 27.04 -10.38
CA ARG A 94 0.61 26.36 -9.80
C ARG A 94 1.04 27.04 -8.51
N PRO A 95 1.52 26.30 -7.54
CA PRO A 95 1.59 24.85 -7.61
C PRO A 95 0.25 24.17 -7.45
N ARG A 96 0.01 23.10 -8.19
CA ARG A 96 -1.18 22.27 -7.99
C ARG A 96 -1.13 21.67 -6.59
N THR A 97 -2.26 21.72 -5.88
CA THR A 97 -2.26 21.34 -4.47
C THR A 97 -3.43 20.42 -4.16
N PHE A 98 -3.18 19.44 -3.31
CA PHE A 98 -4.11 18.46 -2.88
C PHE A 98 -4.73 18.76 -1.51
N GLY A 99 -5.96 18.30 -1.33
CA GLY A 99 -6.58 18.26 0.00
C GLY A 99 -5.83 17.20 0.83
N GLN A 100 -6.11 17.13 2.12
CA GLN A 100 -5.34 16.14 2.94
C GLN A 100 -5.94 14.76 2.85
N GLY A 101 -7.10 14.63 2.21
CA GLY A 101 -7.70 13.34 1.98
C GLY A 101 -8.74 12.96 3.03
N THR A 102 -9.64 12.10 2.61
CA THR A 102 -10.73 11.62 3.45
C THR A 102 -10.80 10.07 3.32
N LYS A 103 -10.55 9.42 4.44
CA LYS A 103 -10.56 7.95 4.47
C LYS A 103 -11.98 7.45 4.69
N VAL A 104 -12.48 6.68 3.72
CA VAL A 104 -13.83 6.15 3.71
C VAL A 104 -13.80 4.66 4.09
N GLU A 105 -14.36 4.39 5.26
CA GLU A 105 -14.34 3.04 5.82
C GLU A 105 -15.78 2.51 5.90
N ILE A 106 -15.90 1.19 5.98
CA ILE A 106 -17.23 0.56 6.05
C ILE A 106 -17.47 -0.10 7.39
N LYS A 107 -18.70 0.09 7.89
CA LYS A 107 -19.13 -0.66 9.08
C LYS A 107 -19.99 -1.84 8.55
N ARG A 108 -19.81 -3.00 9.13
CA ARG A 108 -20.61 -4.18 8.72
C ARG A 108 -20.98 -5.00 9.97
N THR A 109 -21.54 -6.17 9.74
CA THR A 109 -21.92 -7.05 10.86
C THR A 109 -20.67 -7.72 11.41
N VAL A 110 -20.72 -8.23 12.62
CA VAL A 110 -19.62 -8.94 13.23
C VAL A 110 -19.26 -10.22 12.47
N ALA A 111 -17.97 -10.48 12.35
CA ALA A 111 -17.43 -11.65 11.70
C ALA A 111 -16.23 -12.15 12.52
N ALA A 112 -16.34 -13.40 12.98
CA ALA A 112 -15.30 -13.94 13.84
C ALA A 112 -14.08 -14.31 13.00
N PRO A 113 -12.90 -14.25 13.60
CA PRO A 113 -11.68 -14.65 12.95
C PRO A 113 -11.62 -16.19 12.83
N SER A 114 -10.97 -16.66 11.80
CA SER A 114 -10.52 -18.05 11.70
C SER A 114 -9.04 -18.02 12.11
N VAL A 115 -8.69 -18.80 13.11
CA VAL A 115 -7.38 -18.78 13.72
C VAL A 115 -6.51 -19.93 13.29
N PHE A 116 -5.30 -19.62 12.88
CA PHE A 116 -4.33 -20.61 12.41
C PHE A 116 -3.02 -20.38 13.16
N ILE A 117 -2.27 -21.42 13.47
CA ILE A 117 -0.97 -21.24 14.12
C ILE A 117 0.10 -21.98 13.36
N PHE A 118 1.28 -21.41 13.25
CA PHE A 118 2.39 -21.97 12.53
C PHE A 118 3.63 -22.08 13.40
N PRO A 119 4.15 -23.29 13.57
CA PRO A 119 5.41 -23.48 14.29
C PRO A 119 6.54 -22.97 13.41
N PRO A 120 7.72 -22.76 13.99
CA PRO A 120 8.88 -22.29 13.27
C PRO A 120 9.34 -23.29 12.22
N SER A 121 9.88 -22.82 11.11
CA SER A 121 10.36 -23.72 10.06
C SER A 121 11.69 -24.33 10.46
N ASP A 122 11.94 -25.54 9.97
CA ASP A 122 13.25 -26.17 10.21
C ASP A 122 14.37 -25.27 9.73
N GLU A 123 14.26 -24.73 8.53
CA GLU A 123 15.18 -23.76 7.99
C GLU A 123 15.52 -22.63 8.96
N GLN A 124 14.54 -21.98 9.56
CA GLN A 124 14.79 -20.88 10.48
C GLN A 124 15.40 -21.40 11.79
N LEU A 125 14.89 -22.54 12.27
CA LEU A 125 15.43 -23.15 13.48
C LEU A 125 16.93 -23.39 13.30
N LYS A 126 17.29 -23.86 12.11
CA LYS A 126 18.69 -24.06 11.74
C LYS A 126 19.49 -22.78 12.00
N SER A 127 18.92 -21.64 11.61
CA SER A 127 19.58 -20.36 11.73
C SER A 127 19.84 -19.91 13.16
N GLY A 128 19.04 -20.33 14.12
CA GLY A 128 19.25 -19.97 15.51
C GLY A 128 18.07 -19.24 16.13
N THR A 129 17.03 -18.97 15.35
CA THR A 129 15.87 -18.24 15.81
C THR A 129 14.59 -19.04 15.54
N ALA A 130 13.56 -18.82 16.34
CA ALA A 130 12.31 -19.52 16.23
C ALA A 130 11.11 -18.57 16.26
N SER A 131 10.53 -18.31 15.08
CA SER A 131 9.34 -17.48 15.02
C SER A 131 8.08 -18.32 14.93
N VAL A 132 7.12 -18.04 15.81
CA VAL A 132 5.84 -18.70 15.81
C VAL A 132 4.76 -17.73 15.34
N VAL A 133 4.01 -18.10 14.31
CA VAL A 133 3.03 -17.12 13.77
C VAL A 133 1.61 -17.49 14.05
N CYS A 134 0.83 -16.60 14.65
CA CYS A 134 -0.60 -16.74 14.81
C CYS A 134 -1.37 -15.84 13.84
N LEU A 135 -2.21 -16.45 13.02
CA LEU A 135 -2.99 -15.74 12.01
C LEU A 135 -4.46 -15.67 12.37
N LEU A 136 -5.04 -14.47 12.35
CA LEU A 136 -6.44 -14.27 12.52
C LEU A 136 -7.01 -13.73 11.17
N ASN A 137 -7.79 -14.58 10.52
CA ASN A 137 -8.27 -14.27 9.18
C ASN A 137 -9.66 -13.73 9.12
N ASN A 138 -9.87 -12.65 8.34
CA ASN A 138 -11.16 -12.13 8.03
C ASN A 138 -12.12 -11.96 9.18
N PHE A 139 -11.81 -11.07 10.12
CA PHE A 139 -12.74 -10.74 11.20
C PHE A 139 -13.20 -9.30 11.13
N TYR A 140 -14.27 -8.96 11.80
CA TYR A 140 -14.78 -7.61 11.96
C TYR A 140 -15.54 -7.55 13.29
N PRO A 141 -15.36 -6.50 14.06
CA PRO A 141 -14.52 -5.37 13.72
C PRO A 141 -13.05 -5.61 13.89
N ARG A 142 -12.23 -4.55 13.66
CA ARG A 142 -10.81 -4.66 13.67
C ARG A 142 -10.21 -4.93 15.04
N GLU A 143 -10.89 -4.50 16.10
CA GLU A 143 -10.37 -4.72 17.45
C GLU A 143 -10.32 -6.20 17.79
N ALA A 144 -9.17 -6.66 18.22
CA ALA A 144 -8.96 -8.06 18.56
C ALA A 144 -7.73 -8.20 19.47
N LYS A 145 -7.77 -9.17 20.36
CA LYS A 145 -6.66 -9.39 21.28
C LYS A 145 -6.05 -10.77 21.11
N VAL A 146 -4.74 -10.79 20.90
CA VAL A 146 -3.95 -11.99 20.82
C VAL A 146 -3.11 -12.12 22.11
N GLN A 147 -3.05 -13.34 22.64
CA GLN A 147 -2.24 -13.60 23.82
C GLN A 147 -1.48 -14.91 23.64
N TRP A 148 -0.17 -14.81 23.71
CA TRP A 148 0.74 -15.90 23.53
C TRP A 148 1.00 -16.63 24.86
N LYS A 149 0.93 -17.94 24.83
CA LYS A 149 1.16 -18.76 26.03
C LYS A 149 2.16 -19.87 25.74
N VAL A 150 3.13 -20.03 26.62
CA VAL A 150 4.23 -20.99 26.42
C VAL A 150 4.34 -21.94 27.61
N ASP A 151 3.35 -22.81 27.76
CA ASP A 151 3.23 -23.73 28.86
C ASP A 151 2.33 -23.09 29.93
N ASN A 152 1.41 -22.27 29.42
CA ASN A 152 0.41 -21.60 30.23
C ASN A 152 0.90 -20.32 30.88
N ALA A 153 2.15 -19.93 30.63
CA ALA A 153 2.63 -18.66 31.19
C ALA A 153 2.36 -17.54 30.16
N LEU A 154 1.58 -16.56 30.53
CA LEU A 154 1.28 -15.44 29.63
C LEU A 154 2.58 -14.71 29.26
N GLN A 155 2.87 -14.62 27.97
CA GLN A 155 4.10 -14.00 27.50
C GLN A 155 3.97 -12.48 27.46
N SER A 156 5.12 -11.81 27.58
CA SER A 156 5.16 -10.37 27.41
C SER A 156 6.49 -9.94 26.79
N GLY A 157 6.41 -9.05 25.82
CA GLY A 157 7.52 -8.43 25.21
C GLY A 157 8.36 -9.23 24.27
N ASN A 158 7.78 -10.21 23.57
CA ASN A 158 8.53 -11.01 22.62
C ASN A 158 7.71 -11.28 21.35
N SER A 159 6.59 -10.57 21.22
CA SER A 159 5.77 -10.67 20.02
C SER A 159 5.57 -9.31 19.35
N GLN A 160 5.23 -9.33 18.05
CA GLN A 160 4.88 -8.13 17.30
C GLN A 160 3.66 -8.48 16.42
N GLU A 161 2.72 -7.56 16.27
CA GLU A 161 1.57 -7.86 15.39
C GLU A 161 1.37 -6.76 14.36
N SER A 162 0.63 -7.05 13.31
CA SER A 162 0.21 -6.02 12.34
C SER A 162 -1.11 -6.42 11.70
N VAL A 163 -1.96 -5.46 11.44
CA VAL A 163 -3.29 -5.64 10.91
C VAL A 163 -3.39 -5.14 9.48
N THR A 164 -4.15 -5.85 8.64
CA THR A 164 -4.27 -5.40 7.24
C THR A 164 -5.16 -4.17 7.16
N GLU A 165 -5.18 -3.56 5.97
CA GLU A 165 -6.21 -2.57 5.65
C GLU A 165 -7.54 -3.32 5.47
N GLN A 166 -8.65 -2.62 5.46
CA GLN A 166 -9.97 -3.24 5.27
C GLN A 166 -10.08 -3.90 3.90
N ASP A 167 -10.66 -5.11 3.87
CA ASP A 167 -10.82 -5.84 2.63
C ASP A 167 -11.87 -5.20 1.72
N SER A 168 -11.54 -5.06 0.43
CA SER A 168 -12.42 -4.44 -0.53
C SER A 168 -13.59 -5.31 -0.98
N LYS A 169 -13.57 -6.60 -0.66
CA LYS A 169 -14.68 -7.48 -1.02
C LYS A 169 -15.61 -7.74 0.13
N ASP A 170 -15.11 -8.18 1.30
CA ASP A 170 -15.99 -8.48 2.42
C ASP A 170 -15.89 -7.52 3.58
N SER A 171 -15.05 -6.50 3.47
CA SER A 171 -14.92 -5.46 4.47
C SER A 171 -14.39 -5.96 5.80
N THR A 172 -13.64 -7.05 5.81
CA THR A 172 -13.06 -7.61 7.00
C THR A 172 -11.60 -7.15 7.17
N TYR A 173 -11.03 -7.55 8.29
CA TYR A 173 -9.65 -7.34 8.64
C TYR A 173 -8.96 -8.67 8.93
N SER A 174 -7.66 -8.76 8.69
CA SER A 174 -6.88 -9.92 9.10
C SER A 174 -5.72 -9.44 9.98
N LEU A 175 -5.29 -10.23 10.93
CA LEU A 175 -4.21 -9.84 11.83
C LEU A 175 -3.19 -10.98 11.97
N SER A 176 -1.93 -10.64 11.91
CA SER A 176 -0.83 -11.57 12.11
C SER A 176 -0.07 -11.19 13.38
N SER A 177 0.13 -12.15 14.27
CA SER A 177 0.93 -11.94 15.47
C SER A 177 2.09 -12.93 15.47
N THR A 178 3.30 -12.42 15.64
CA THR A 178 4.49 -13.24 15.56
C THR A 178 5.25 -13.23 16.92
N LEU A 179 5.42 -14.42 17.47
CA LEU A 179 6.22 -14.57 18.72
C LEU A 179 7.63 -14.98 18.35
N THR A 180 8.66 -14.24 18.75
CA THR A 180 10.02 -14.60 18.38
C THR A 180 10.89 -14.95 19.56
N LEU A 181 11.47 -16.15 19.55
CA LEU A 181 12.38 -16.57 20.61
C LEU A 181 13.67 -17.12 19.98
N SER A 182 14.71 -17.27 20.82
CA SER A 182 15.93 -17.92 20.30
C SER A 182 15.65 -19.41 20.25
N LYS A 183 16.36 -20.15 19.44
CA LYS A 183 16.19 -21.61 19.41
C LYS A 183 16.35 -22.17 20.82
N ALA A 184 17.42 -21.77 21.50
CA ALA A 184 17.65 -22.18 22.88
C ALA A 184 16.41 -21.98 23.75
N ASP A 185 15.83 -20.78 23.73
CA ASP A 185 14.61 -20.54 24.49
C ASP A 185 13.44 -21.37 23.96
N TYR A 186 13.38 -21.54 22.64
CA TYR A 186 12.30 -22.31 22.03
C TYR A 186 12.32 -23.76 22.49
N GLU A 187 13.52 -24.34 22.64
CA GLU A 187 13.66 -25.70 23.13
C GLU A 187 13.75 -25.79 24.63
N LYS A 188 12.90 -25.08 25.35
CA LYS A 188 12.82 -25.11 26.79
C LYS A 188 11.38 -25.40 27.22
N HIS A 189 10.47 -25.14 26.27
CA HIS A 189 9.04 -25.28 26.55
C HIS A 189 8.40 -26.28 25.60
N LYS A 190 7.12 -26.61 25.85
CA LYS A 190 6.46 -27.64 25.06
C LYS A 190 5.27 -27.04 24.30
N VAL A 191 4.24 -26.58 24.99
CA VAL A 191 3.03 -26.14 24.33
C VAL A 191 3.03 -24.64 24.01
N TYR A 192 3.14 -24.36 22.70
CA TYR A 192 3.08 -22.97 22.23
C TYR A 192 1.67 -22.64 21.77
N ALA A 193 1.02 -21.69 22.44
CA ALA A 193 -0.36 -21.39 22.19
C ALA A 193 -0.62 -19.91 21.89
N CYS A 194 -1.63 -19.70 21.05
CA CYS A 194 -2.13 -18.38 20.72
C CYS A 194 -3.58 -18.26 21.15
N GLU A 195 -3.88 -17.39 22.10
CA GLU A 195 -5.24 -17.19 22.56
C GLU A 195 -5.85 -15.94 21.92
N VAL A 196 -6.94 -16.13 21.18
CA VAL A 196 -7.61 -15.01 20.51
C VAL A 196 -8.94 -14.69 21.20
N THR A 197 -9.12 -13.42 21.57
CA THR A 197 -10.41 -12.93 22.02
C THR A 197 -10.93 -11.87 21.07
N HIS A 198 -12.20 -11.99 20.69
CA HIS A 198 -12.84 -11.13 19.71
C HIS A 198 -14.35 -11.11 19.91
N GLN A 199 -14.99 -10.01 19.53
CA GLN A 199 -16.41 -9.82 19.65
C GLN A 199 -17.25 -10.88 18.97
N GLY A 200 -16.74 -11.52 17.94
CA GLY A 200 -17.48 -12.54 17.20
C GLY A 200 -17.30 -13.93 17.79
N LEU A 201 -16.63 -14.02 18.92
CA LEU A 201 -16.35 -15.27 19.61
C LEU A 201 -17.07 -15.33 20.96
N SER A 202 -17.89 -16.36 21.15
CA SER A 202 -18.61 -16.57 22.40
C SER A 202 -17.66 -16.69 23.59
N SER A 203 -16.52 -17.32 23.33
CA SER A 203 -15.47 -17.51 24.32
C SER A 203 -14.14 -17.59 23.55
N PRO A 204 -13.08 -17.09 24.15
CA PRO A 204 -11.78 -17.05 23.50
C PRO A 204 -11.42 -18.35 22.83
N VAL A 205 -10.88 -18.27 21.62
CA VAL A 205 -10.46 -19.45 20.87
C VAL A 205 -8.95 -19.65 21.02
N THR A 206 -8.52 -20.90 21.20
CA THR A 206 -7.11 -21.20 21.35
C THR A 206 -6.63 -22.10 20.21
N LYS A 207 -5.40 -21.85 19.77
CA LYS A 207 -4.75 -22.70 18.78
C LYS A 207 -3.30 -22.91 19.27
N SER A 208 -2.95 -24.15 19.53
CA SER A 208 -1.63 -24.43 20.11
C SER A 208 -1.04 -25.70 19.52
N PHE A 209 0.25 -25.90 19.74
CA PHE A 209 0.93 -27.11 19.31
C PHE A 209 2.05 -27.44 20.31
N ASN A 210 2.28 -28.72 20.52
CA ASN A 210 3.39 -29.12 21.40
C ASN A 210 4.64 -29.24 20.54
N ARG A 211 5.66 -28.46 20.87
CA ARG A 211 6.87 -28.36 20.11
C ARG A 211 7.15 -29.62 19.29
N GLN B 1 -3.34 0.06 -24.14
CA GLN B 1 -2.73 -0.15 -22.81
C GLN B 1 -1.70 0.94 -22.51
N VAL B 2 -2.16 2.03 -21.92
CA VAL B 2 -1.25 3.10 -21.46
C VAL B 2 -0.47 2.58 -20.26
N GLN B 3 0.87 2.61 -20.33
CA GLN B 3 1.63 2.14 -19.18
C GLN B 3 2.65 3.14 -18.70
N LEU B 4 2.74 3.30 -17.39
CA LEU B 4 3.81 4.15 -16.81
C LEU B 4 4.54 3.27 -15.76
N GLN B 5 5.85 3.38 -15.68
CA GLN B 5 6.54 2.56 -14.64
C GLN B 5 7.79 3.23 -14.13
N GLU B 6 7.77 3.61 -12.84
CA GLU B 6 8.90 4.25 -12.20
C GLU B 6 9.99 3.19 -11.97
N SER B 7 11.24 3.61 -11.97
CA SER B 7 12.34 2.68 -11.68
C SER B 7 12.24 2.22 -10.24
N GLY B 8 12.98 1.14 -9.90
CA GLY B 8 12.80 0.46 -8.65
C GLY B 8 13.06 1.28 -7.42
N PRO B 9 12.39 0.93 -6.32
CA PRO B 9 12.58 1.56 -5.02
C PRO B 9 13.95 1.22 -4.45
N GLY B 10 14.42 2.05 -3.52
CA GLY B 10 15.71 1.84 -2.91
C GLY B 10 16.13 3.04 -2.07
N LEU B 11 17.40 3.01 -1.68
CA LEU B 11 17.98 3.98 -0.79
C LEU B 11 18.68 5.14 -1.49
N VAL B 12 18.68 6.29 -0.86
CA VAL B 12 19.49 7.43 -1.24
C VAL B 12 20.13 7.97 0.05
N ARG B 13 21.43 8.25 0.01
CA ARG B 13 22.08 8.82 1.21
C ARG B 13 21.70 10.29 1.38
N PRO B 14 21.58 10.73 2.63
CA PRO B 14 21.32 12.11 2.96
C PRO B 14 22.31 13.07 2.30
N SER B 15 21.80 14.15 1.75
CA SER B 15 22.57 15.16 1.05
C SER B 15 23.03 14.74 -0.32
N GLN B 16 22.69 13.53 -0.76
CA GLN B 16 22.98 13.05 -2.09
C GLN B 16 21.76 13.20 -3.01
N THR B 17 21.84 12.71 -4.22
CA THR B 17 20.85 12.99 -5.24
C THR B 17 19.97 11.79 -5.56
N LEU B 18 18.65 12.00 -5.39
CA LEU B 18 17.68 10.96 -5.78
C LEU B 18 17.53 11.00 -7.31
N SER B 19 17.56 9.85 -7.95
CA SER B 19 17.33 9.77 -9.38
C SER B 19 16.30 8.71 -9.73
N LEU B 20 15.27 9.05 -10.51
CA LEU B 20 14.31 8.10 -10.99
C LEU B 20 14.03 8.28 -12.51
N THR B 21 13.53 7.19 -13.03
CA THR B 21 13.11 7.10 -14.44
C THR B 21 11.66 6.67 -14.50
N CYS B 22 10.90 7.21 -15.44
CA CYS B 22 9.52 6.84 -15.68
C CYS B 22 9.39 6.33 -17.13
N THR B 23 9.29 5.02 -17.28
CA THR B 23 9.26 4.41 -18.60
C THR B 23 7.84 4.16 -19.06
N VAL B 24 7.55 4.62 -20.27
CA VAL B 24 6.18 4.67 -20.77
C VAL B 24 5.96 3.86 -22.03
N SER B 25 4.73 3.40 -22.24
CA SER B 25 4.36 2.85 -23.56
C SER B 25 2.86 2.93 -23.75
N GLY B 26 2.35 2.70 -24.95
CA GLY B 26 0.92 2.65 -25.20
C GLY B 26 0.28 3.95 -25.59
N PHE B 27 1.05 5.01 -25.76
CA PHE B 27 0.52 6.32 -26.17
C PHE B 27 1.63 7.15 -26.80
N THR B 28 1.27 8.23 -27.49
CA THR B 28 2.31 9.13 -28.04
C THR B 28 2.81 10.04 -26.93
N PHE B 29 3.81 9.60 -26.17
CA PHE B 29 4.22 10.25 -24.96
C PHE B 29 4.74 11.65 -25.15
N THR B 30 5.17 11.97 -26.34
CA THR B 30 5.61 13.24 -26.85
C THR B 30 4.47 14.19 -27.14
N ASP B 31 3.23 13.75 -26.99
CA ASP B 31 2.06 14.59 -27.08
C ASP B 31 1.41 14.94 -25.77
N PHE B 32 1.93 14.46 -24.64
CA PHE B 32 1.33 14.73 -23.34
C PHE B 32 2.41 15.25 -22.38
N TYR B 33 2.00 16.10 -21.46
CA TYR B 33 2.96 16.51 -20.40
C TYR B 33 3.11 15.27 -19.46
N MET B 34 4.11 15.33 -18.62
CA MET B 34 4.30 14.30 -17.58
C MET B 34 4.60 14.98 -16.25
N ASN B 35 3.82 14.61 -15.23
CA ASN B 35 3.97 15.19 -13.90
C ASN B 35 4.73 14.16 -13.01
N TRP B 36 5.24 14.63 -11.91
CA TRP B 36 5.74 13.84 -10.82
C TRP B 36 5.06 14.33 -9.51
N VAL B 37 4.58 13.37 -8.74
CA VAL B 37 3.88 13.59 -7.47
C VAL B 37 4.49 12.63 -6.43
N ARG B 38 4.66 13.07 -5.20
CA ARG B 38 5.20 12.12 -4.19
C ARG B 38 4.26 12.09 -2.99
N GLN B 39 4.39 11.04 -2.18
CA GLN B 39 3.59 10.82 -1.00
C GLN B 39 4.46 10.21 0.12
N PRO B 40 4.86 11.05 1.03
CA PRO B 40 5.65 10.59 2.20
C PRO B 40 4.86 9.52 2.94
N PRO B 41 5.51 8.40 3.22
CA PRO B 41 4.87 7.31 3.95
C PRO B 41 4.01 7.85 5.08
N GLY B 42 2.73 7.49 5.06
CA GLY B 42 1.77 7.91 6.05
C GLY B 42 1.24 9.31 5.86
N ARG B 43 1.60 10.02 4.80
CA ARG B 43 1.15 11.37 4.57
C ARG B 43 0.35 11.49 3.26
N GLY B 44 0.02 12.74 2.91
CA GLY B 44 -0.76 13.02 1.74
C GLY B 44 0.10 13.21 0.48
N LEU B 45 -0.51 13.81 -0.55
CA LEU B 45 0.13 13.98 -1.83
C LEU B 45 0.73 15.36 -2.05
N GLU B 46 1.82 15.41 -2.81
CA GLU B 46 2.50 16.63 -3.15
C GLU B 46 2.92 16.62 -4.62
N TRP B 47 2.47 17.61 -5.37
CA TRP B 47 2.84 17.77 -6.76
C TRP B 47 4.27 18.38 -6.83
N ILE B 48 5.17 17.66 -7.49
CA ILE B 48 6.55 18.14 -7.60
C ILE B 48 6.77 19.04 -8.80
N GLY B 49 6.11 18.74 -9.93
CA GLY B 49 6.29 19.56 -11.13
C GLY B 49 5.89 18.76 -12.36
N PHE B 50 6.00 19.36 -13.57
CA PHE B 50 5.76 18.67 -14.80
C PHE B 50 6.78 19.06 -15.89
N ILE B 51 6.91 18.14 -16.83
CA ILE B 51 7.75 18.43 -18.03
C ILE B 51 6.77 18.48 -19.21
N ARG B 52 6.89 19.47 -20.04
CA ARG B 52 5.95 19.63 -21.16
C ARG B 52 6.23 18.70 -22.30
N ASP B 53 5.60 18.98 -23.48
CA ASP B 53 5.67 18.05 -24.60
C ASP B 53 6.67 18.50 -25.65
N LYS B 54 6.77 17.73 -26.72
CA LYS B 54 7.69 18.02 -27.81
C LYS B 54 7.46 19.39 -28.41
N ALA B 55 6.22 19.81 -28.61
CA ALA B 55 5.92 21.12 -29.18
C ALA B 55 6.45 22.26 -28.33
N LYS B 56 6.50 22.07 -27.00
CA LYS B 56 7.00 23.10 -26.12
C LYS B 56 8.46 22.91 -25.78
N GLY B 57 9.13 21.95 -26.41
CA GLY B 57 10.55 21.71 -26.15
C GLY B 57 10.81 21.11 -24.78
N TYR B 58 9.80 20.48 -24.16
CA TYR B 58 10.00 19.84 -22.86
C TYR B 58 10.45 20.76 -21.77
N THR B 59 10.04 22.00 -21.78
CA THR B 59 10.23 22.95 -20.70
C THR B 59 9.43 22.50 -19.46
N THR B 60 9.81 22.98 -18.30
CA THR B 60 9.33 22.48 -17.04
C THR B 60 8.67 23.54 -16.15
N GLU B 61 7.90 23.07 -15.15
CA GLU B 61 7.44 23.93 -14.05
C GLU B 61 7.65 23.15 -12.75
N TYR B 62 8.28 23.72 -11.75
CA TYR B 62 8.49 22.96 -10.51
C TYR B 62 7.73 23.62 -9.36
N ASN B 63 7.34 22.82 -8.38
CA ASN B 63 6.82 23.43 -7.13
C ASN B 63 7.95 24.17 -6.43
N PRO B 64 7.69 25.39 -5.96
CA PRO B 64 8.62 26.15 -5.15
C PRO B 64 9.04 25.40 -3.91
N SER B 65 8.22 24.47 -3.42
CA SER B 65 8.52 23.65 -2.27
C SER B 65 9.84 22.89 -2.42
N VAL B 66 10.22 22.51 -3.63
CA VAL B 66 11.53 21.83 -3.80
C VAL B 66 12.46 22.78 -4.54
N LYS B 67 12.09 24.07 -4.52
CA LYS B 67 12.72 25.06 -5.35
C LYS B 67 14.23 24.87 -5.47
N GLY B 68 14.68 24.68 -6.69
CA GLY B 68 16.07 24.63 -7.03
C GLY B 68 16.73 23.30 -6.91
N ARG B 69 16.11 22.29 -6.35
CA ARG B 69 16.75 21.00 -6.17
C ARG B 69 16.32 19.98 -7.22
N VAL B 70 15.28 20.30 -7.99
CA VAL B 70 14.69 19.31 -8.88
C VAL B 70 14.91 19.65 -10.34
N THR B 71 15.25 18.65 -11.14
CA THR B 71 15.24 18.80 -12.57
C THR B 71 14.47 17.62 -13.19
N MET B 72 13.78 17.88 -14.27
CA MET B 72 13.01 16.83 -14.91
C MET B 72 13.42 16.73 -16.37
N LEU B 73 13.77 15.55 -16.79
CA LEU B 73 14.29 15.28 -18.10
C LEU B 73 13.46 14.34 -18.94
N VAL B 74 13.75 14.31 -20.25
CA VAL B 74 13.20 13.35 -21.17
C VAL B 74 14.31 12.78 -22.06
N ASP B 75 14.25 11.49 -22.30
CA ASP B 75 15.11 10.86 -23.31
C ASP B 75 14.19 10.13 -24.30
N THR B 76 13.79 10.86 -25.34
CA THR B 76 12.82 10.32 -26.31
C THR B 76 13.26 9.01 -26.93
N SER B 77 14.56 8.81 -27.12
CA SER B 77 15.05 7.54 -27.67
C SER B 77 14.84 6.37 -26.76
N LYS B 78 14.48 6.56 -25.50
CA LYS B 78 14.27 5.49 -24.55
C LYS B 78 12.85 5.44 -24.00
N ASN B 79 11.94 6.25 -24.52
CA ASN B 79 10.57 6.27 -23.97
C ASN B 79 10.61 6.52 -22.46
N GLN B 80 11.43 7.49 -22.05
CA GLN B 80 11.67 7.72 -20.65
C GLN B 80 11.66 9.18 -20.24
N PHE B 81 11.04 9.43 -19.08
CA PHE B 81 11.17 10.69 -18.37
C PHE B 81 12.03 10.42 -17.12
N SER B 82 12.76 11.41 -16.65
CA SER B 82 13.56 11.24 -15.47
C SER B 82 13.31 12.37 -14.46
N LEU B 83 13.51 12.01 -13.20
CA LEU B 83 13.44 12.95 -12.09
C LEU B 83 14.76 12.89 -11.31
N ARG B 84 15.36 14.04 -11.08
CA ARG B 84 16.49 14.21 -10.20
C ARG B 84 16.21 15.23 -9.10
N LEU B 85 16.42 14.80 -7.86
CA LEU B 85 16.23 15.74 -6.72
C LEU B 85 17.54 15.73 -5.91
N SER B 86 18.22 16.83 -5.81
CA SER B 86 19.52 16.90 -5.14
C SER B 86 19.42 17.20 -3.66
N SER B 87 20.55 17.02 -2.96
CA SER B 87 20.67 17.32 -1.56
C SER B 87 19.49 16.84 -0.74
N VAL B 88 19.20 15.54 -0.78
CA VAL B 88 18.02 15.04 -0.09
C VAL B 88 18.17 15.08 1.42
N THR B 89 17.04 15.18 2.10
CA THR B 89 16.97 15.14 3.55
C THR B 89 15.90 14.10 3.97
N ALA B 90 15.61 14.05 5.25
CA ALA B 90 14.64 13.10 5.78
C ALA B 90 13.23 13.34 5.25
N ALA B 91 12.95 14.59 4.88
CA ALA B 91 11.70 14.99 4.32
C ALA B 91 11.42 14.39 2.95
N ASP B 92 12.45 13.96 2.21
CA ASP B 92 12.30 13.46 0.86
C ASP B 92 12.04 11.97 0.76
N THR B 93 11.94 11.27 1.88
CA THR B 93 11.56 9.85 1.87
C THR B 93 10.05 9.80 1.49
N ALA B 94 9.75 9.12 0.41
CA ALA B 94 8.38 9.02 -0.05
C ALA B 94 8.23 8.03 -1.20
N VAL B 95 6.96 7.74 -1.51
CA VAL B 95 6.66 7.01 -2.76
C VAL B 95 6.49 8.09 -3.87
N TYR B 96 7.31 7.99 -4.88
CA TYR B 96 7.36 8.88 -6.01
C TYR B 96 6.62 8.26 -7.21
N TYR B 97 5.69 9.08 -7.77
CA TYR B 97 4.93 8.66 -8.90
C TYR B 97 5.18 9.59 -10.12
N CYS B 98 5.12 8.98 -11.29
CA CYS B 98 4.96 9.79 -12.52
C CYS B 98 3.47 9.66 -12.89
N ALA B 99 2.88 10.78 -13.32
CA ALA B 99 1.44 10.77 -13.62
C ALA B 99 1.23 11.58 -14.92
N ARG B 100 0.62 10.95 -15.92
CA ARG B 100 0.43 11.65 -17.20
C ARG B 100 -0.51 12.84 -17.04
N GLU B 101 -0.22 13.93 -17.72
CA GLU B 101 -1.04 15.12 -17.66
C GLU B 101 -2.45 14.81 -18.22
N GLY B 102 -2.48 14.24 -19.41
CA GLY B 102 -3.72 13.86 -20.07
C GLY B 102 -4.16 15.04 -20.97
N HIS B 103 -5.25 14.85 -21.68
CA HIS B 103 -5.75 15.90 -22.58
C HIS B 103 -7.04 16.45 -22.01
N THR B 104 -8.16 15.83 -22.38
CA THR B 104 -9.45 16.29 -21.84
C THR B 104 -9.55 16.06 -20.35
N ALA B 105 -9.37 14.84 -19.93
CA ALA B 105 -9.40 14.49 -18.49
C ALA B 105 -7.97 14.75 -17.95
N ALA B 106 -7.86 15.78 -17.14
CA ALA B 106 -6.51 16.21 -16.68
C ALA B 106 -6.67 16.99 -15.40
N PRO B 107 -5.63 17.08 -14.60
CA PRO B 107 -4.37 16.39 -14.83
C PRO B 107 -4.37 15.00 -14.21
N PHE B 108 -3.30 14.23 -14.44
CA PHE B 108 -3.08 12.96 -13.76
C PHE B 108 -4.08 11.88 -14.16
N ASP B 109 -4.23 11.61 -15.46
CA ASP B 109 -5.21 10.64 -15.92
C ASP B 109 -4.70 9.21 -15.78
N TYR B 110 -3.39 8.99 -15.89
CA TYR B 110 -2.77 7.70 -15.66
C TYR B 110 -1.54 7.86 -14.74
N TRP B 111 -1.31 6.86 -13.88
CA TRP B 111 -0.25 6.94 -12.89
C TRP B 111 0.60 5.66 -12.95
N GLY B 112 1.89 5.78 -12.64
CA GLY B 112 2.69 4.56 -12.45
C GLY B 112 2.30 3.93 -11.11
N GLN B 113 2.95 2.80 -10.82
CA GLN B 113 2.75 2.09 -9.58
C GLN B 113 3.33 2.82 -8.37
N GLY B 114 4.33 3.64 -8.61
CA GLY B 114 5.02 4.38 -7.55
C GLY B 114 6.26 3.64 -7.08
N SER B 115 7.27 4.39 -6.71
CA SER B 115 8.52 3.82 -6.19
C SER B 115 8.90 4.43 -4.86
N LEU B 116 9.00 3.61 -3.82
CA LEU B 116 9.39 4.12 -2.50
C LEU B 116 10.86 4.47 -2.45
N VAL B 117 11.20 5.72 -2.17
CA VAL B 117 12.64 6.07 -2.03
C VAL B 117 12.91 6.41 -0.57
N THR B 118 13.85 5.69 0.05
CA THR B 118 14.13 5.93 1.48
C THR B 118 15.45 6.65 1.68
N VAL B 119 15.42 7.78 2.38
CA VAL B 119 16.65 8.52 2.70
C VAL B 119 17.30 7.93 3.97
N SER B 120 18.51 7.45 3.83
CA SER B 120 19.19 6.78 4.96
C SER B 120 20.64 6.52 4.62
N SER B 121 21.49 6.47 5.66
CA SER B 121 22.91 6.21 5.46
C SER B 121 23.22 4.74 5.77
N ALA B 122 22.21 4.04 6.29
CA ALA B 122 22.30 2.62 6.58
C ALA B 122 22.48 1.81 5.31
N SER B 123 22.89 0.56 5.45
CA SER B 123 23.13 -0.32 4.30
C SER B 123 21.88 -1.16 4.01
N THR B 124 21.71 -1.58 2.75
CA THR B 124 20.51 -2.40 2.45
C THR B 124 20.74 -3.83 2.94
N LYS B 125 19.67 -4.52 3.27
CA LYS B 125 19.78 -5.90 3.75
C LYS B 125 18.61 -6.71 3.16
N GLY B 126 18.93 -7.70 2.35
CA GLY B 126 17.92 -8.56 1.75
C GLY B 126 17.34 -9.51 2.77
N PRO B 127 16.11 -9.97 2.55
CA PRO B 127 15.37 -10.77 3.49
C PRO B 127 15.75 -12.25 3.50
N SER B 128 15.36 -12.93 4.58
CA SER B 128 15.37 -14.39 4.64
C SER B 128 13.93 -14.84 4.39
N VAL B 129 13.71 -15.89 3.62
CA VAL B 129 12.31 -16.37 3.45
C VAL B 129 12.13 -17.76 4.07
N PHE B 130 11.18 -17.90 4.98
CA PHE B 130 10.84 -19.19 5.56
C PHE B 130 9.37 -19.52 5.28
N PRO B 131 9.08 -20.81 5.10
CA PRO B 131 7.72 -21.26 4.89
C PRO B 131 6.85 -21.28 6.12
N LEU B 132 5.58 -20.99 5.99
CA LEU B 132 4.52 -21.22 6.94
C LEU B 132 3.63 -22.35 6.38
N ALA B 133 4.01 -23.58 6.68
CA ALA B 133 3.34 -24.76 6.11
C ALA B 133 1.95 -24.99 6.60
N PRO B 134 1.04 -25.45 5.72
CA PRO B 134 -0.32 -25.78 6.12
C PRO B 134 -0.25 -26.94 7.12
N SER B 135 -1.16 -27.02 8.07
CA SER B 135 -1.16 -28.17 9.00
C SER B 135 -2.52 -28.34 9.64
N SER B 136 -2.60 -29.29 10.59
CA SER B 136 -3.84 -29.50 11.36
C SER B 136 -4.15 -28.28 12.23
N LYS B 137 -3.09 -27.61 12.68
CA LYS B 137 -3.18 -26.39 13.46
C LYS B 137 -3.46 -25.17 12.59
N SER B 138 -3.61 -25.39 11.29
CA SER B 138 -4.01 -24.32 10.37
C SER B 138 -5.10 -24.89 9.43
N THR B 139 -6.13 -25.43 10.09
CA THR B 139 -7.22 -26.10 9.37
C THR B 139 -8.57 -25.58 9.80
N SER B 140 -9.29 -24.98 8.85
CA SER B 140 -10.60 -24.39 9.23
C SER B 140 -11.66 -24.76 8.22
N GLY B 141 -12.71 -25.45 8.65
CA GLY B 141 -13.80 -25.89 7.83
C GLY B 141 -13.47 -26.30 6.42
N GLY B 142 -12.46 -27.14 6.19
CA GLY B 142 -12.11 -27.61 4.88
C GLY B 142 -11.07 -26.79 4.15
N THR B 143 -10.75 -25.60 4.66
CA THR B 143 -9.72 -24.76 4.04
C THR B 143 -8.43 -24.87 4.85
N ALA B 144 -7.29 -24.65 4.24
CA ALA B 144 -6.00 -24.62 4.84
C ALA B 144 -5.29 -23.27 4.62
N ALA B 145 -4.61 -22.78 5.63
CA ALA B 145 -3.83 -21.53 5.51
C ALA B 145 -2.36 -21.87 5.35
N LEU B 146 -1.65 -21.16 4.52
CA LEU B 146 -0.22 -21.32 4.36
C LEU B 146 0.38 -19.93 4.02
N GLY B 147 1.69 -19.83 3.98
CA GLY B 147 2.28 -18.48 3.76
C GLY B 147 3.79 -18.56 3.80
N CYS B 148 4.43 -17.40 3.84
CA CYS B 148 5.87 -17.28 3.91
C CYS B 148 6.20 -16.11 4.89
N LEU B 149 7.19 -16.36 5.70
CA LEU B 149 7.68 -15.32 6.64
C LEU B 149 8.85 -14.63 5.97
N VAL B 150 8.77 -13.30 5.77
CA VAL B 150 9.87 -12.59 5.11
C VAL B 150 10.57 -11.68 6.12
N LYS B 151 11.72 -12.10 6.61
CA LYS B 151 12.36 -11.48 7.75
C LYS B 151 13.69 -10.83 7.50
N ASP B 152 14.04 -9.82 8.33
CA ASP B 152 15.32 -9.19 8.36
C ASP B 152 15.76 -8.48 7.10
N TYR B 153 14.93 -7.55 6.58
CA TYR B 153 15.32 -6.76 5.43
C TYR B 153 15.22 -5.26 5.73
N PHE B 154 15.90 -4.47 4.94
CA PHE B 154 15.87 -3.00 4.98
C PHE B 154 16.34 -2.46 3.63
N PRO B 155 15.77 -1.36 3.16
CA PRO B 155 14.60 -0.76 3.77
C PRO B 155 13.34 -1.41 3.16
N GLU B 156 12.18 -0.86 3.41
CA GLU B 156 10.99 -1.31 2.63
C GLU B 156 11.23 -0.81 1.18
N PRO B 157 10.46 -1.34 0.25
CA PRO B 157 9.50 -2.37 0.50
C PRO B 157 9.99 -3.73 0.01
N VAL B 158 9.23 -4.79 0.36
CA VAL B 158 9.49 -6.07 -0.34
C VAL B 158 8.20 -6.43 -1.11
N THR B 159 8.37 -7.03 -2.26
CA THR B 159 7.24 -7.43 -3.11
C THR B 159 7.05 -8.94 -3.00
N VAL B 160 5.86 -9.39 -2.70
CA VAL B 160 5.61 -10.82 -2.62
C VAL B 160 4.48 -11.20 -3.60
N SER B 161 4.76 -12.20 -4.43
CA SER B 161 3.66 -12.75 -5.27
C SER B 161 3.58 -14.24 -5.00
N TRP B 162 2.53 -14.88 -5.45
CA TRP B 162 2.38 -16.33 -5.30
C TRP B 162 2.27 -17.03 -6.63
N ASN B 163 3.07 -18.09 -6.84
CA ASN B 163 3.02 -18.81 -8.12
C ASN B 163 3.24 -17.87 -9.30
N SER B 164 4.21 -16.97 -9.17
CA SER B 164 4.56 -16.02 -10.19
C SER B 164 3.42 -15.13 -10.64
N GLY B 165 2.43 -14.86 -9.83
CA GLY B 165 1.31 -14.03 -10.21
C GLY B 165 0.02 -14.75 -10.51
N ALA B 166 0.07 -16.08 -10.73
CA ALA B 166 -1.16 -16.83 -10.99
C ALA B 166 -2.05 -17.00 -9.78
N LEU B 167 -1.56 -16.80 -8.56
CA LEU B 167 -2.39 -16.94 -7.36
C LEU B 167 -2.53 -15.60 -6.65
N THR B 168 -3.73 -15.05 -6.53
CA THR B 168 -3.93 -13.72 -5.98
C THR B 168 -5.13 -13.71 -5.03
N SER B 169 -6.09 -14.59 -5.28
CA SER B 169 -7.26 -14.69 -4.43
C SER B 169 -6.89 -15.24 -3.04
N GLY B 170 -7.48 -14.67 -2.01
CA GLY B 170 -7.30 -15.07 -0.64
C GLY B 170 -5.93 -14.81 -0.04
N VAL B 171 -5.12 -13.94 -0.63
CA VAL B 171 -3.80 -13.63 -0.16
C VAL B 171 -3.84 -12.40 0.77
N HIS B 172 -3.08 -12.52 1.86
CA HIS B 172 -2.96 -11.36 2.78
C HIS B 172 -1.46 -11.13 3.00
N THR B 173 -0.96 -10.05 2.43
CA THR B 173 0.47 -9.72 2.61
C THR B 173 0.50 -8.55 3.63
N PHE B 174 0.76 -8.90 4.89
CA PHE B 174 0.65 -7.96 5.98
C PHE B 174 1.65 -6.82 5.90
N PRO B 175 1.23 -5.65 6.39
CA PRO B 175 2.13 -4.52 6.58
C PRO B 175 3.33 -4.99 7.41
N ALA B 176 4.53 -4.61 7.03
CA ALA B 176 5.71 -4.97 7.79
C ALA B 176 5.67 -4.33 9.21
N VAL B 177 6.39 -5.00 10.10
CA VAL B 177 6.61 -4.45 11.45
C VAL B 177 8.09 -4.10 11.55
N LEU B 178 8.44 -3.13 12.40
CA LEU B 178 9.88 -2.79 12.51
C LEU B 178 10.46 -3.55 13.70
N GLN B 179 11.54 -4.27 13.51
CA GLN B 179 12.10 -5.02 14.67
C GLN B 179 13.17 -4.18 15.36
N SER B 180 13.54 -4.61 16.58
CA SER B 180 14.51 -3.92 17.39
C SER B 180 15.81 -3.62 16.68
N SER B 181 16.28 -4.52 15.83
CA SER B 181 17.46 -4.33 15.02
C SER B 181 17.30 -3.17 14.02
N GLY B 182 16.08 -2.74 13.75
CA GLY B 182 15.89 -1.71 12.71
C GLY B 182 15.52 -2.40 11.39
N LEU B 183 15.41 -3.73 11.42
CA LEU B 183 15.01 -4.47 10.23
C LEU B 183 13.53 -4.76 10.25
N TYR B 184 12.96 -4.96 9.05
CA TYR B 184 11.51 -5.13 8.95
C TYR B 184 11.18 -6.62 8.83
N SER B 185 9.95 -6.95 9.21
CA SER B 185 9.54 -8.36 8.96
C SER B 185 8.11 -8.34 8.47
N LEU B 186 7.77 -9.27 7.56
CA LEU B 186 6.35 -9.37 7.17
C LEU B 186 5.98 -10.84 6.92
N SER B 187 4.70 -11.08 6.96
CA SER B 187 4.20 -12.41 6.53
C SER B 187 3.21 -12.23 5.38
N SER B 188 3.20 -13.18 4.48
CA SER B 188 2.20 -13.21 3.41
C SER B 188 1.55 -14.62 3.44
N VAL B 189 0.25 -14.64 3.61
CA VAL B 189 -0.48 -15.88 3.79
C VAL B 189 -1.59 -16.02 2.75
N VAL B 190 -1.93 -17.28 2.47
CA VAL B 190 -2.99 -17.58 1.50
C VAL B 190 -3.82 -18.74 2.05
N THR B 191 -5.13 -18.64 1.93
CA THR B 191 -5.98 -19.78 2.32
C THR B 191 -6.39 -20.55 1.06
N VAL B 192 -6.12 -21.85 1.04
CA VAL B 192 -6.47 -22.71 -0.10
C VAL B 192 -7.30 -23.91 0.33
N PRO B 193 -7.80 -24.67 -0.63
CA PRO B 193 -8.52 -25.92 -0.35
C PRO B 193 -7.55 -26.90 0.31
N SER B 194 -7.98 -27.53 1.40
CA SER B 194 -7.16 -28.59 2.01
C SER B 194 -7.11 -29.81 1.10
N SER B 195 -8.16 -30.04 0.34
CA SER B 195 -8.30 -31.23 -0.50
C SER B 195 -7.22 -31.35 -1.56
N SER B 196 -6.68 -30.24 -2.05
CA SER B 196 -5.68 -30.29 -3.12
C SER B 196 -4.28 -29.93 -2.66
N LEU B 197 -4.01 -30.07 -1.35
CA LEU B 197 -2.66 -29.83 -0.84
C LEU B 197 -1.66 -30.77 -1.49
N GLY B 198 -2.10 -31.97 -1.89
CA GLY B 198 -1.19 -32.91 -2.51
C GLY B 198 -0.96 -32.71 -3.99
N THR B 199 -1.84 -31.99 -4.70
CA THR B 199 -1.70 -31.88 -6.16
C THR B 199 -1.24 -30.51 -6.62
N GLN B 200 -1.54 -29.48 -5.87
CA GLN B 200 -1.16 -28.10 -6.24
C GLN B 200 0.16 -27.73 -5.59
N THR B 201 0.98 -26.92 -6.27
CA THR B 201 2.22 -26.44 -5.66
C THR B 201 2.10 -24.93 -5.40
N TYR B 202 2.52 -24.53 -4.19
CA TYR B 202 2.46 -23.10 -3.82
C TYR B 202 3.86 -22.56 -3.57
N ILE B 203 4.22 -21.51 -4.31
CA ILE B 203 5.55 -20.92 -4.22
C ILE B 203 5.45 -19.42 -3.97
N CYS B 204 6.11 -18.92 -2.91
CA CYS B 204 6.08 -17.45 -2.72
C CYS B 204 7.28 -16.85 -3.43
N ASN B 205 7.02 -15.81 -4.24
CA ASN B 205 8.08 -15.14 -4.98
C ASN B 205 8.37 -13.78 -4.29
N VAL B 206 9.55 -13.72 -3.68
CA VAL B 206 9.87 -12.54 -2.85
C VAL B 206 10.92 -11.72 -3.57
N ASN B 207 10.63 -10.43 -3.77
CA ASN B 207 11.54 -9.56 -4.49
C ASN B 207 11.75 -8.27 -3.68
N HIS B 208 12.98 -8.23 -3.14
CA HIS B 208 13.40 -7.07 -2.36
C HIS B 208 14.35 -6.26 -3.26
N LYS B 209 13.69 -5.39 -4.06
CA LYS B 209 14.39 -4.62 -5.06
C LYS B 209 15.49 -3.75 -4.54
N PRO B 210 15.33 -3.09 -3.40
CA PRO B 210 16.39 -2.22 -2.86
C PRO B 210 17.71 -2.95 -2.80
N SER B 211 17.70 -4.26 -2.53
CA SER B 211 18.91 -5.05 -2.48
C SER B 211 19.07 -5.99 -3.66
N ASN B 212 18.22 -5.90 -4.67
CA ASN B 212 18.24 -6.82 -5.79
C ASN B 212 18.27 -8.27 -5.34
N THR B 213 17.45 -8.61 -4.36
CA THR B 213 17.40 -9.97 -3.83
C THR B 213 16.05 -10.61 -4.16
N LYS B 214 16.10 -11.65 -5.01
CA LYS B 214 14.89 -12.39 -5.37
C LYS B 214 14.97 -13.80 -4.77
N VAL B 215 13.94 -14.19 -4.03
CA VAL B 215 13.91 -15.50 -3.41
C VAL B 215 12.59 -16.22 -3.74
N ASP B 216 12.71 -17.45 -4.21
CA ASP B 216 11.56 -18.31 -4.43
C ASP B 216 11.52 -19.44 -3.39
N LYS B 217 10.37 -19.62 -2.78
CA LYS B 217 10.23 -20.61 -1.71
C LYS B 217 8.94 -21.41 -1.85
N LYS B 218 9.11 -22.71 -2.11
CA LYS B 218 8.01 -23.65 -2.17
C LYS B 218 7.47 -23.96 -0.77
N VAL B 219 6.19 -23.78 -0.56
CA VAL B 219 5.54 -24.03 0.71
C VAL B 219 4.83 -25.40 0.65
N GLU B 220 5.45 -26.37 1.30
CA GLU B 220 4.98 -27.75 1.30
C GLU B 220 4.27 -28.14 2.56
CA GLY C 1 -3.45 19.28 -25.10
C GLY C 1 -4.37 19.21 -23.89
N THR C 2 -3.67 19.39 -22.93
CA THR C 2 -4.29 19.38 -21.58
C THR C 2 -5.37 20.46 -21.53
N SER C 3 -6.41 20.18 -20.77
CA SER C 3 -7.49 21.11 -20.53
C SER C 3 -7.24 21.95 -19.28
N SER C 4 -6.17 21.60 -18.55
CA SER C 4 -5.86 22.30 -17.30
C SER C 4 -5.27 23.65 -17.54
N PRO C 5 -5.79 24.70 -16.88
CA PRO C 5 -5.26 26.04 -17.05
C PRO C 5 -3.93 26.27 -16.37
N SER C 6 -3.52 25.37 -15.47
CA SER C 6 -2.24 25.56 -14.78
C SER C 6 -1.12 24.84 -15.51
N ALA C 7 -1.44 24.20 -16.65
CA ALA C 7 -0.38 23.48 -17.38
C ALA C 7 0.54 24.42 -18.10
N ASP C 8 0.02 25.57 -18.57
CA ASP C 8 0.84 26.50 -19.30
C ASP C 8 0.99 27.87 -18.75
#